data_5Y8A
#
_entry.id   5Y8A
#
_cell.length_a   46.088
_cell.length_b   45.553
_cell.length_c   113.002
_cell.angle_alpha   90.000
_cell.angle_beta   100.350
_cell.angle_gamma   90.000
#
_symmetry.space_group_name_H-M   'P 1 2 1'
#
loop_
_entity.id
_entity.type
_entity.pdbx_description
1 polymer 'Putative hemin transport system, substrate-binding protein'
2 non-polymer 'PROTOPORPHYRIN IX CONTAINING FE'
3 non-polymer 'CALCIUM ION'
4 water water
#
_entity_poly.entity_id   1
_entity_poly.type   'polypeptide(L)'
_entity_poly.pdbx_seq_one_letter_code
;GPLGSKRVIVIGGALAETAFALGGAETPRYRLVGADTTCTYPDAAKRLPKVGYQRALSAEGLLSLRPDLVLASAEAGPPT
AIAQVKGAGVTVTTFDERHDVESVRAKITGVAQALDVRDAGAALLQRFDRDWQAARDAVAARVPGGAQPPRVLFVLNHTG
TQALVAGQRTAADAMIRYAGARNAMQGFDHYKPLTTEALAAAAPDVVLISDEGLAAVGGHAALLATPGFGATPAGRARRV
VSLDALFLLGFGPRLPLAVTTLHRRLSDALA
;
_entity_poly.pdbx_strand_id   A,B
#
# COMPACT_ATOMS: atom_id res chain seq x y z
N GLY A 4 26.50 -22.01 -13.76
CA GLY A 4 25.73 -20.78 -13.74
C GLY A 4 24.61 -20.74 -12.70
N SER A 5 24.33 -19.54 -12.21
CA SER A 5 23.33 -19.34 -11.17
C SER A 5 21.99 -18.98 -11.80
N LYS A 6 20.93 -19.64 -11.33
CA LYS A 6 19.59 -19.35 -11.81
C LYS A 6 19.08 -18.06 -11.16
N ARG A 7 18.52 -17.18 -11.97
CA ARG A 7 17.85 -15.99 -11.47
C ARG A 7 16.40 -16.35 -11.17
N VAL A 8 15.99 -16.20 -9.92
CA VAL A 8 14.68 -16.65 -9.47
C VAL A 8 13.86 -15.45 -9.03
N ILE A 9 12.61 -15.38 -9.49
CA ILE A 9 11.61 -14.46 -8.94
C ILE A 9 10.58 -15.27 -8.17
N VAL A 10 10.19 -14.78 -6.98
CA VAL A 10 9.22 -15.44 -6.11
CA VAL A 10 9.21 -15.45 -6.11
C VAL A 10 7.98 -14.56 -5.97
N ILE A 11 6.81 -15.13 -6.21
CA ILE A 11 5.54 -14.40 -6.10
C ILE A 11 4.72 -15.00 -4.95
N GLY A 12 4.48 -14.20 -3.91
CA GLY A 12 3.66 -14.59 -2.78
C GLY A 12 4.51 -14.61 -1.51
N GLY A 13 4.00 -13.95 -0.48
CA GLY A 13 4.83 -13.70 0.69
C GLY A 13 5.32 -14.98 1.34
N ALA A 14 4.41 -15.97 1.50
CA ALA A 14 4.79 -17.23 2.14
C ALA A 14 5.85 -17.98 1.32
N LEU A 15 5.73 -17.97 -0.02
CA LEU A 15 6.73 -18.61 -0.86
CA LEU A 15 6.73 -18.61 -0.86
C LEU A 15 8.10 -17.95 -0.70
N ALA A 16 8.12 -16.62 -0.68
CA ALA A 16 9.38 -15.91 -0.49
C ALA A 16 10.02 -16.26 0.84
N GLU A 17 9.24 -16.31 1.91
CA GLU A 17 9.80 -16.70 3.20
C GLU A 17 10.38 -18.11 3.11
N THR A 18 9.68 -19.00 2.42
CA THR A 18 10.16 -20.37 2.28
C THR A 18 11.48 -20.40 1.54
N ALA A 19 11.55 -19.68 0.40
CA ALA A 19 12.78 -19.66 -0.37
C ALA A 19 13.95 -19.15 0.47
N PHE A 20 13.73 -18.04 1.21
CA PHE A 20 14.80 -17.45 2.02
C PHE A 20 15.16 -18.33 3.20
N ALA A 21 14.19 -19.01 3.79
CA ALA A 21 14.51 -19.90 4.90
C ALA A 21 15.30 -21.12 4.45
N LEU A 22 15.30 -21.43 3.15
CA LEU A 22 16.11 -22.56 2.69
C LEU A 22 17.58 -22.20 2.63
N GLY A 23 17.89 -20.94 2.35
CA GLY A 23 19.27 -20.52 2.38
C GLY A 23 19.39 -19.04 2.59
N GLY A 24 18.66 -18.26 1.80
CA GLY A 24 18.80 -16.83 1.74
C GLY A 24 18.91 -16.38 0.30
N ALA A 25 19.29 -15.10 0.13
CA ALA A 25 19.21 -14.47 -1.18
C ALA A 25 20.12 -15.15 -2.19
N GLU A 26 21.22 -15.74 -1.74
CA GLU A 26 22.27 -16.25 -2.63
C GLU A 26 22.68 -17.66 -2.22
N THR A 27 22.75 -18.55 -3.22
CA THR A 27 23.45 -19.83 -3.11
C THR A 27 24.20 -20.03 -4.42
N PRO A 28 25.10 -21.02 -4.53
CA PRO A 28 25.74 -21.27 -5.84
C PRO A 28 24.77 -21.69 -6.91
N ARG A 29 23.62 -22.25 -6.55
CA ARG A 29 22.68 -22.73 -7.57
C ARG A 29 21.75 -21.63 -8.05
N TYR A 30 21.34 -20.71 -7.19
CA TYR A 30 20.32 -19.75 -7.58
C TYR A 30 20.53 -18.44 -6.84
N ARG A 31 19.95 -17.38 -7.39
CA ARG A 31 19.88 -16.08 -6.74
C ARG A 31 18.46 -15.56 -6.84
N LEU A 32 17.89 -15.14 -5.71
CA LEU A 32 16.56 -14.52 -5.74
C LEU A 32 16.70 -13.06 -6.14
N VAL A 33 16.11 -12.68 -7.28
CA VAL A 33 16.36 -11.38 -7.90
C VAL A 33 15.11 -10.48 -7.94
N GLY A 34 13.92 -11.00 -7.65
CA GLY A 34 12.74 -10.18 -7.68
C GLY A 34 11.61 -10.83 -6.90
N ALA A 35 10.61 -10.04 -6.57
CA ALA A 35 9.44 -10.56 -5.87
C ALA A 35 8.25 -9.65 -6.17
N ASP A 36 7.08 -10.01 -5.65
CA ASP A 36 5.95 -9.11 -5.66
C ASP A 36 5.89 -8.37 -4.32
N THR A 37 5.03 -7.35 -4.25
CA THR A 37 4.92 -6.47 -3.07
C THR A 37 4.46 -7.18 -1.80
N THR A 38 3.90 -8.37 -1.86
CA THR A 38 3.53 -9.01 -0.61
C THR A 38 4.73 -9.65 0.10
N CYS A 39 5.91 -9.62 -0.51
CA CYS A 39 7.08 -10.31 0.02
C CYS A 39 7.87 -9.33 0.88
N THR A 40 7.48 -9.23 2.15
CA THR A 40 8.04 -8.27 3.08
C THR A 40 8.86 -8.91 4.20
N TYR A 41 8.97 -10.25 4.25
CA TYR A 41 9.77 -10.95 5.24
C TYR A 41 10.64 -12.01 4.57
N PRO A 42 11.91 -12.15 4.98
CA PRO A 42 12.66 -11.43 6.01
C PRO A 42 13.13 -10.09 5.45
N ASP A 43 14.05 -9.41 6.15
CA ASP A 43 14.49 -8.12 5.67
C ASP A 43 15.07 -8.22 4.26
N ALA A 44 15.80 -9.30 3.97
CA ALA A 44 16.35 -9.46 2.63
C ALA A 44 15.27 -9.58 1.55
N ALA A 45 14.08 -10.09 1.88
CA ALA A 45 13.00 -10.12 0.88
C ALA A 45 12.47 -8.71 0.64
N LYS A 46 12.25 -7.98 1.74
CA LYS A 46 11.71 -6.63 1.62
C LYS A 46 12.59 -5.77 0.74
N ARG A 47 13.86 -6.12 0.58
CA ARG A 47 14.81 -5.34 -0.22
C ARG A 47 14.87 -5.74 -1.69
N LEU A 48 14.25 -6.85 -2.09
CA LEU A 48 14.25 -7.24 -3.49
C LEU A 48 13.45 -6.24 -4.34
N PRO A 49 13.84 -6.04 -5.60
CA PRO A 49 12.98 -5.26 -6.51
C PRO A 49 11.64 -5.96 -6.68
N LYS A 50 10.56 -5.16 -6.72
CA LYS A 50 9.21 -5.67 -6.81
C LYS A 50 8.63 -5.46 -8.19
N VAL A 51 7.82 -6.44 -8.66
CA VAL A 51 7.24 -6.38 -10.02
C VAL A 51 5.72 -6.35 -9.97
N GLY A 52 5.16 -5.58 -9.03
CA GLY A 52 3.73 -5.44 -8.89
C GLY A 52 3.17 -6.27 -7.74
N TYR A 53 1.92 -6.00 -7.44
CA TYR A 53 1.18 -6.82 -6.49
C TYR A 53 0.88 -8.20 -7.13
N GLN A 54 0.84 -9.23 -6.29
CA GLN A 54 0.74 -10.61 -6.75
C GLN A 54 -0.42 -10.88 -7.72
N ARG A 55 -1.56 -10.21 -7.56
CA ARG A 55 -2.66 -10.43 -8.49
C ARG A 55 -2.69 -9.40 -9.62
N ALA A 56 -1.72 -8.50 -9.71
CA ALA A 56 -1.67 -7.48 -10.74
C ALA A 56 -0.27 -7.43 -11.32
N LEU A 57 0.24 -8.58 -11.73
CA LEU A 57 1.61 -8.66 -12.18
C LEU A 57 1.79 -7.97 -13.52
N SER A 58 2.91 -7.28 -13.65
CA SER A 58 3.37 -6.81 -14.94
C SER A 58 4.26 -7.88 -15.55
N ALA A 59 3.86 -8.43 -16.70
CA ALA A 59 4.73 -9.39 -17.37
C ALA A 59 6.01 -8.71 -17.83
N GLU A 60 5.89 -7.51 -18.37
CA GLU A 60 7.07 -6.76 -18.79
C GLU A 60 7.95 -6.42 -17.60
N GLY A 61 7.36 -6.09 -16.46
CA GLY A 61 8.17 -5.82 -15.27
C GLY A 61 8.89 -7.06 -14.79
N LEU A 62 8.16 -8.16 -14.72
CA LEU A 62 8.76 -9.42 -14.29
C LEU A 62 9.91 -9.84 -15.23
N LEU A 63 9.70 -9.73 -16.53
CA LEU A 63 10.73 -10.14 -17.47
C LEU A 63 11.93 -9.20 -17.48
N SER A 64 11.75 -7.94 -17.09
CA SER A 64 12.86 -7.00 -17.09
C SER A 64 13.98 -7.44 -16.17
N LEU A 65 13.69 -8.29 -15.19
CA LEU A 65 14.72 -8.81 -14.30
C LEU A 65 15.40 -10.06 -14.84
N ARG A 66 15.04 -10.51 -16.04
N ARG A 66 15.05 -10.50 -16.05
CA ARG A 66 15.64 -11.68 -16.67
CA ARG A 66 15.61 -11.68 -16.69
C ARG A 66 15.58 -12.93 -15.79
C ARG A 66 15.58 -12.92 -15.80
N PRO A 67 14.38 -13.38 -15.41
CA PRO A 67 14.30 -14.58 -14.56
C PRO A 67 14.57 -15.83 -15.38
N ASP A 68 15.25 -16.78 -14.75
CA ASP A 68 15.32 -18.14 -15.25
C ASP A 68 14.21 -19.02 -14.69
N LEU A 69 13.63 -18.64 -13.54
CA LEU A 69 12.62 -19.42 -12.87
C LEU A 69 11.73 -18.47 -12.09
N VAL A 70 10.41 -18.67 -12.17
CA VAL A 70 9.46 -17.99 -11.31
C VAL A 70 8.75 -19.02 -10.45
N LEU A 71 8.79 -18.81 -9.13
CA LEU A 71 8.03 -19.58 -8.17
C LEU A 71 6.84 -18.70 -7.78
N ALA A 72 5.64 -19.15 -8.11
CA ALA A 72 4.47 -18.30 -8.01
C ALA A 72 3.42 -18.98 -7.16
N SER A 73 2.79 -18.22 -6.27
CA SER A 73 1.60 -18.76 -5.66
C SER A 73 0.53 -18.97 -6.73
N ALA A 74 -0.28 -20.01 -6.53
CA ALA A 74 -1.38 -20.27 -7.46
C ALA A 74 -2.30 -19.05 -7.61
N GLU A 75 -2.27 -18.15 -6.65
CA GLU A 75 -3.00 -16.89 -6.67
C GLU A 75 -2.36 -15.82 -7.54
N ALA A 76 -1.18 -16.08 -8.12
CA ALA A 76 -0.50 -15.06 -8.91
C ALA A 76 -1.28 -14.79 -10.18
N GLY A 77 -1.37 -13.52 -10.58
CA GLY A 77 -2.13 -13.16 -11.75
C GLY A 77 -1.86 -11.76 -12.24
N PRO A 78 -2.61 -11.32 -13.28
CA PRO A 78 -3.71 -12.05 -13.93
C PRO A 78 -3.23 -13.17 -14.85
N PRO A 79 -4.14 -14.07 -15.24
CA PRO A 79 -3.72 -15.15 -16.13
C PRO A 79 -3.02 -14.67 -17.39
N THR A 80 -3.40 -13.51 -17.94
CA THR A 80 -2.72 -13.00 -19.13
C THR A 80 -1.22 -12.80 -18.87
N ALA A 81 -0.88 -12.24 -17.72
CA ALA A 81 0.53 -11.97 -17.43
C ALA A 81 1.34 -13.25 -17.26
N ILE A 82 0.78 -14.25 -16.56
CA ILE A 82 1.48 -15.54 -16.39
C ILE A 82 1.69 -16.23 -17.74
N ALA A 83 0.67 -16.18 -18.61
CA ALA A 83 0.83 -16.74 -19.94
C ALA A 83 1.95 -16.03 -20.69
N GLN A 84 1.97 -14.70 -20.62
CA GLN A 84 3.03 -13.95 -21.29
C GLN A 84 4.41 -14.38 -20.84
N VAL A 85 4.59 -14.61 -19.53
CA VAL A 85 5.90 -14.96 -19.00
C VAL A 85 6.33 -16.35 -19.46
N LYS A 86 5.44 -17.34 -19.34
CA LYS A 86 5.74 -18.66 -19.89
C LYS A 86 6.00 -18.58 -21.39
N GLY A 87 5.24 -17.76 -22.11
CA GLY A 87 5.43 -17.56 -23.54
C GLY A 87 6.84 -17.13 -23.92
N ALA A 88 7.57 -16.55 -22.97
CA ALA A 88 8.93 -16.07 -23.19
C ALA A 88 9.99 -17.12 -22.86
N GLY A 89 9.58 -18.36 -22.60
CA GLY A 89 10.54 -19.39 -22.25
C GLY A 89 10.97 -19.40 -20.80
N VAL A 90 10.27 -18.66 -19.93
CA VAL A 90 10.55 -18.69 -18.50
C VAL A 90 9.75 -19.82 -17.87
N THR A 91 10.43 -20.63 -17.06
CA THR A 91 9.73 -21.64 -16.30
C THR A 91 9.00 -20.97 -15.14
N VAL A 92 7.69 -21.19 -15.05
CA VAL A 92 6.87 -20.75 -13.92
C VAL A 92 6.38 -22.01 -13.21
N THR A 93 6.73 -22.14 -11.94
CA THR A 93 6.27 -23.27 -11.14
C THR A 93 5.33 -22.76 -10.06
N THR A 94 4.12 -23.30 -10.05
CA THR A 94 3.01 -22.77 -9.26
C THR A 94 2.76 -23.66 -8.04
N PHE A 95 2.35 -23.01 -6.94
CA PHE A 95 2.16 -23.62 -5.63
C PHE A 95 0.82 -23.17 -5.07
N ASP A 96 0.07 -24.10 -4.48
CA ASP A 96 -1.21 -23.69 -3.92
C ASP A 96 -1.03 -23.13 -2.51
N GLU A 97 -2.03 -22.37 -2.07
CA GLU A 97 -2.00 -21.66 -0.79
C GLU A 97 -3.23 -22.08 0.01
N ARG A 98 -3.27 -23.35 0.39
CA ARG A 98 -4.34 -23.80 1.27
C ARG A 98 -3.99 -23.40 2.69
N HIS A 99 -5.01 -23.14 3.48
CA HIS A 99 -4.79 -22.59 4.81
C HIS A 99 -4.58 -23.72 5.81
N ASP A 100 -3.52 -24.48 5.62
CA ASP A 100 -3.29 -25.56 6.58
C ASP A 100 -1.82 -25.93 6.61
N VAL A 101 -1.47 -26.65 7.66
CA VAL A 101 -0.07 -26.99 7.92
C VAL A 101 0.48 -27.91 6.85
N GLU A 102 -0.31 -28.87 6.37
CA GLU A 102 0.22 -29.81 5.39
CA GLU A 102 0.23 -29.81 5.39
C GLU A 102 0.58 -29.11 4.09
N SER A 103 -0.19 -28.09 3.72
CA SER A 103 0.15 -27.30 2.54
C SER A 103 1.46 -26.54 2.73
N VAL A 104 1.70 -26.04 3.94
CA VAL A 104 2.98 -25.40 4.22
C VAL A 104 4.12 -26.41 4.12
N ARG A 105 3.90 -27.63 4.64
CA ARG A 105 4.93 -28.66 4.60
C ARG A 105 5.27 -29.05 3.16
N ALA A 106 4.24 -29.23 2.33
CA ALA A 106 4.46 -29.54 0.92
C ALA A 106 5.12 -28.39 0.17
N LYS A 107 4.81 -27.15 0.59
CA LYS A 107 5.45 -25.97 0.03
CA LYS A 107 5.45 -25.98 0.01
C LYS A 107 6.96 -25.99 0.26
N ILE A 108 7.38 -26.34 1.49
CA ILE A 108 8.80 -26.39 1.84
C ILE A 108 9.55 -27.36 0.92
N THR A 109 9.06 -28.59 0.82
CA THR A 109 9.77 -29.57 0.01
C THR A 109 9.65 -29.27 -1.47
N GLY A 110 8.50 -28.72 -1.89
CA GLY A 110 8.32 -28.38 -3.29
C GLY A 110 9.19 -27.22 -3.76
N VAL A 111 9.33 -26.19 -2.93
CA VAL A 111 10.21 -25.08 -3.25
C VAL A 111 11.66 -25.56 -3.29
N ALA A 112 12.08 -26.30 -2.25
CA ALA A 112 13.46 -26.81 -2.22
C ALA A 112 13.77 -27.63 -3.47
N GLN A 113 12.79 -28.40 -3.94
N GLN A 113 12.80 -28.41 -3.94
CA GLN A 113 13.00 -29.25 -5.11
CA GLN A 113 13.05 -29.25 -5.10
C GLN A 113 13.10 -28.44 -6.39
C GLN A 113 13.13 -28.43 -6.38
N ALA A 114 12.37 -27.32 -6.46
CA ALA A 114 12.46 -26.44 -7.62
C ALA A 114 13.78 -25.68 -7.64
N LEU A 115 14.32 -25.33 -6.48
CA LEU A 115 15.61 -24.67 -6.40
C LEU A 115 16.77 -25.68 -6.34
N ASP A 116 16.51 -26.98 -6.45
CA ASP A 116 17.55 -28.01 -6.42
C ASP A 116 18.34 -27.96 -5.12
N VAL A 117 17.62 -27.92 -3.99
CA VAL A 117 18.27 -27.92 -2.68
C VAL A 117 17.52 -28.86 -1.77
N ARG A 118 17.35 -30.11 -2.21
CA ARG A 118 16.51 -31.05 -1.48
C ARG A 118 17.00 -31.25 -0.04
N ASP A 119 18.32 -31.27 0.16
CA ASP A 119 18.86 -31.52 1.50
C ASP A 119 18.51 -30.38 2.46
N ALA A 120 18.57 -29.14 1.99
CA ALA A 120 18.16 -28.00 2.83
C ALA A 120 16.65 -28.04 3.10
N GLY A 121 15.85 -28.46 2.11
CA GLY A 121 14.43 -28.65 2.36
C GLY A 121 14.15 -29.68 3.44
N ALA A 122 14.81 -30.83 3.38
CA ALA A 122 14.59 -31.83 4.42
C ALA A 122 14.92 -31.26 5.80
N ALA A 123 15.98 -30.45 5.88
CA ALA A 123 16.41 -29.90 7.16
C ALA A 123 15.42 -28.86 7.68
N LEU A 124 14.95 -27.98 6.80
CA LEU A 124 13.94 -27.00 7.21
C LEU A 124 12.66 -27.68 7.65
N LEU A 125 12.24 -28.72 6.92
CA LEU A 125 11.01 -29.41 7.25
C LEU A 125 11.16 -30.13 8.59
N GLN A 126 12.34 -30.65 8.87
CA GLN A 126 12.55 -31.30 10.17
CA GLN A 126 12.57 -31.30 10.17
C GLN A 126 12.42 -30.29 11.30
N ARG A 127 13.00 -29.09 11.14
CA ARG A 127 12.83 -28.04 12.13
CA ARG A 127 12.83 -28.04 12.13
C ARG A 127 11.37 -27.65 12.26
N PHE A 128 10.70 -27.42 11.13
CA PHE A 128 9.28 -27.07 11.12
C PHE A 128 8.44 -28.10 11.86
N ASP A 129 8.67 -29.39 11.56
CA ASP A 129 7.87 -30.44 12.18
C ASP A 129 8.06 -30.47 13.69
N ARG A 130 9.32 -30.31 14.14
CA ARG A 130 9.63 -30.14 15.55
C ARG A 130 8.86 -28.96 16.17
N ASP A 131 8.89 -27.81 15.52
CA ASP A 131 8.23 -26.62 16.09
C ASP A 131 6.72 -26.80 16.09
N TRP A 132 6.18 -27.43 15.05
CA TRP A 132 4.73 -27.63 14.95
C TRP A 132 4.19 -28.57 16.01
N GLN A 133 4.90 -29.67 16.29
CA GLN A 133 4.48 -30.54 17.39
C GLN A 133 4.50 -29.78 18.71
N ALA A 134 5.53 -28.96 18.94
CA ALA A 134 5.58 -28.14 20.15
C ALA A 134 4.40 -27.17 20.21
N ALA A 135 4.08 -26.54 19.08
CA ALA A 135 2.93 -25.63 19.02
C ALA A 135 1.63 -26.38 19.31
N ARG A 136 1.45 -27.55 18.71
CA ARG A 136 0.23 -28.32 18.92
C ARG A 136 0.13 -28.80 20.38
N ASP A 137 1.25 -29.23 20.95
CA ASP A 137 1.28 -29.59 22.36
C ASP A 137 0.83 -28.42 23.23
N ALA A 138 1.40 -27.24 22.98
CA ALA A 138 1.12 -26.07 23.80
C ALA A 138 -0.34 -25.67 23.71
N VAL A 139 -0.91 -25.64 22.50
CA VAL A 139 -2.30 -25.28 22.36
C VAL A 139 -3.21 -26.29 23.06
N ALA A 140 -2.91 -27.59 22.89
CA ALA A 140 -3.74 -28.63 23.50
C ALA A 140 -3.62 -28.62 25.01
N ALA A 141 -2.47 -28.20 25.54
CA ALA A 141 -2.30 -28.11 26.99
C ALA A 141 -3.42 -27.31 27.63
N ARG A 142 -3.71 -26.13 27.09
CA ARG A 142 -4.64 -25.23 27.75
C ARG A 142 -5.48 -24.47 26.72
N VAL A 143 -6.77 -24.36 27.00
CA VAL A 143 -7.65 -23.50 26.21
C VAL A 143 -7.42 -22.04 26.64
N PRO A 144 -7.24 -21.11 25.71
CA PRO A 144 -7.12 -19.70 26.10
C PRO A 144 -8.32 -19.26 26.93
N GLY A 145 -8.02 -18.70 28.08
CA GLY A 145 -9.04 -18.44 29.07
C GLY A 145 -9.26 -19.58 30.04
N GLY A 146 -8.75 -20.77 29.75
CA GLY A 146 -8.86 -21.88 30.67
C GLY A 146 -10.23 -22.49 30.83
N ALA A 147 -11.21 -22.08 30.02
CA ALA A 147 -12.57 -22.60 30.14
C ALA A 147 -13.06 -23.15 28.80
N GLN A 148 -14.17 -22.61 28.29
CA GLN A 148 -14.64 -22.95 26.95
C GLN A 148 -13.78 -22.25 25.90
N PRO A 149 -13.69 -22.82 24.69
CA PRO A 149 -12.99 -22.15 23.57
C PRO A 149 -13.60 -20.79 23.28
N PRO A 150 -12.80 -19.72 23.34
CA PRO A 150 -13.36 -18.38 23.18
C PRO A 150 -13.71 -18.07 21.73
N ARG A 151 -14.67 -17.15 21.56
CA ARG A 151 -15.12 -16.67 20.26
C ARG A 151 -14.31 -15.46 19.85
N VAL A 152 -13.66 -15.53 18.69
CA VAL A 152 -12.76 -14.49 18.20
C VAL A 152 -13.30 -13.91 16.91
N LEU A 153 -13.40 -12.58 16.87
CA LEU A 153 -13.75 -11.83 15.66
C LEU A 153 -12.46 -11.29 15.08
N PHE A 154 -12.18 -11.59 13.81
CA PHE A 154 -11.01 -11.02 13.17
C PHE A 154 -11.39 -9.89 12.23
N VAL A 155 -10.68 -8.78 12.33
CA VAL A 155 -10.93 -7.59 11.54
C VAL A 155 -9.71 -7.36 10.66
N LEU A 156 -9.86 -7.68 9.37
N LEU A 156 -9.93 -7.24 9.35
CA LEU A 156 -8.75 -7.51 8.44
CA LEU A 156 -8.89 -6.93 8.37
C LEU A 156 -8.60 -6.05 8.11
C LEU A 156 -9.05 -5.50 7.82
N ASN A 157 -9.72 -5.35 8.02
N ASN A 157 -7.95 -4.75 7.75
CA ASN A 157 -9.74 -3.92 7.78
CA ASN A 157 -7.97 -3.32 7.41
C ASN A 157 -10.97 -3.35 8.44
C ASN A 157 -6.54 -2.79 7.23
N HIS A 158 -10.97 -2.04 8.62
N HIS A 158 -6.40 -1.55 6.72
CA HIS A 158 -12.12 -1.30 9.12
CA HIS A 158 -5.02 -1.06 6.51
C HIS A 158 -12.16 -0.01 8.32
C HIS A 158 -4.75 0.44 6.51
N THR A 159 -13.27 0.25 7.65
N THR A 159 -5.72 1.28 6.17
CA THR A 159 -13.22 1.30 6.64
CA THR A 159 -5.52 2.71 5.87
C THR A 159 -13.93 2.58 7.09
C THR A 159 -4.36 2.94 4.88
N GLY A 160 -15.24 2.61 7.28
N GLY A 160 -4.46 2.33 3.69
CA GLY A 160 -16.15 1.48 7.28
CA GLY A 160 -5.62 1.61 3.20
C GLY A 160 -17.58 1.88 6.97
C GLY A 160 -6.87 2.47 3.05
N THR A 161 -18.26 2.51 7.94
N THR A 161 -8.13 1.97 3.02
CA THR A 161 -17.75 2.72 9.29
CA THR A 161 -8.74 0.63 2.74
C THR A 161 -17.95 1.48 10.15
C THR A 161 -9.99 0.45 3.61
N GLN A 162 -17.62 0.35 9.56
N GLN A 162 -10.94 -0.31 3.06
CA GLN A 162 -17.87 -0.97 10.09
CA GLN A 162 -12.16 -0.69 3.77
C GLN A 162 -16.60 -1.80 9.94
C GLN A 162 -11.89 -1.78 4.80
N ALA A 163 -16.59 -2.92 10.65
N ALA A 163 -12.67 -1.76 5.88
CA ALA A 163 -15.47 -3.84 10.56
CA ALA A 163 -12.58 -2.76 6.94
C ALA A 163 -15.62 -4.69 9.31
C ALA A 163 -13.51 -3.94 6.68
N LEU A 164 -14.48 -4.95 8.65
N LEU A 164 -13.02 -5.15 6.98
CA LEU A 164 -14.38 -5.92 7.58
CA LEU A 164 -13.76 -6.39 6.73
C LEU A 164 -13.78 -7.18 8.20
C LEU A 164 -13.53 -7.37 7.89
N VAL A 165 -14.50 -8.30 8.10
CA VAL A 165 -14.35 -9.41 9.03
C VAL A 165 -14.37 -10.74 8.29
N ALA A 166 -13.76 -11.72 8.92
CA ALA A 166 -13.46 -13.00 8.28
C ALA A 166 -14.50 -14.04 8.67
N GLY A 167 -15.15 -14.60 7.66
CA GLY A 167 -15.99 -15.77 7.81
C GLY A 167 -15.19 -17.03 7.66
N GLN A 168 -15.83 -18.07 7.13
CA GLN A 168 -15.12 -19.32 6.95
C GLN A 168 -14.29 -19.29 5.67
N ARG A 169 -13.48 -20.34 5.50
CA ARG A 169 -12.61 -20.50 4.33
C ARG A 169 -11.62 -19.35 4.19
N THR A 170 -11.18 -18.78 5.32
CA THR A 170 -10.16 -17.74 5.33
C THR A 170 -8.94 -18.23 6.10
N ALA A 171 -7.81 -17.54 5.90
CA ALA A 171 -6.64 -17.81 6.73
C ALA A 171 -6.94 -17.51 8.19
N ALA A 172 -7.72 -16.47 8.47
CA ALA A 172 -8.04 -16.10 9.84
C ALA A 172 -8.81 -17.21 10.54
N ASP A 173 -9.82 -17.78 9.86
CA ASP A 173 -10.61 -18.87 10.44
C ASP A 173 -9.71 -20.04 10.86
N ALA A 174 -8.80 -20.45 9.99
CA ALA A 174 -7.92 -21.58 10.31
C ALA A 174 -6.95 -21.24 11.45
N MET A 175 -6.43 -20.01 11.48
CA MET A 175 -5.52 -19.64 12.55
C MET A 175 -6.23 -19.58 13.88
N ILE A 176 -7.45 -19.00 13.90
CA ILE A 176 -8.24 -18.97 15.14
C ILE A 176 -8.45 -20.38 15.64
N ARG A 177 -8.74 -21.31 14.73
CA ARG A 177 -8.99 -22.68 15.15
C ARG A 177 -7.69 -23.38 15.59
N TYR A 178 -6.59 -23.17 14.86
CA TYR A 178 -5.33 -23.81 15.28
C TYR A 178 -4.88 -23.36 16.67
N ALA A 179 -5.21 -22.13 17.04
CA ALA A 179 -4.81 -21.60 18.34
C ALA A 179 -5.78 -21.98 19.45
N GLY A 180 -6.78 -22.81 19.16
CA GLY A 180 -7.67 -23.32 20.18
C GLY A 180 -8.92 -22.50 20.41
N ALA A 181 -9.31 -21.64 19.47
CA ALA A 181 -10.47 -20.77 19.64
C ALA A 181 -11.49 -21.07 18.54
N ARG A 182 -12.59 -20.32 18.54
CA ARG A 182 -13.66 -20.47 17.57
C ARG A 182 -13.90 -19.13 16.91
N ASN A 183 -14.14 -19.16 15.60
CA ASN A 183 -14.45 -17.92 14.88
C ASN A 183 -15.81 -17.43 15.32
N ALA A 184 -15.87 -16.17 15.79
CA ALA A 184 -17.17 -15.65 16.21
C ALA A 184 -18.09 -15.40 15.02
N MET A 185 -17.55 -15.35 13.81
CA MET A 185 -18.36 -15.12 12.62
C MET A 185 -18.64 -16.46 11.94
N GLN A 186 -19.92 -16.76 11.74
CA GLN A 186 -20.37 -18.02 11.19
C GLN A 186 -21.40 -17.78 10.10
N GLY A 187 -21.53 -18.74 9.19
CA GLY A 187 -22.58 -18.68 8.19
C GLY A 187 -22.22 -17.99 6.89
N PHE A 188 -20.95 -17.68 6.66
CA PHE A 188 -20.55 -17.10 5.39
C PHE A 188 -19.05 -17.37 5.18
N ASP A 189 -18.63 -17.35 3.93
CA ASP A 189 -17.25 -17.61 3.58
C ASP A 189 -16.58 -16.33 3.12
N HIS A 190 -15.25 -16.29 3.25
CA HIS A 190 -14.45 -15.12 2.84
C HIS A 190 -14.79 -13.90 3.69
N TYR A 191 -14.60 -12.69 3.17
CA TYR A 191 -14.75 -11.50 3.99
C TYR A 191 -15.94 -10.64 3.57
N LYS A 192 -16.58 -10.01 4.58
CA LYS A 192 -17.67 -9.06 4.39
C LYS A 192 -17.58 -7.93 5.40
N PRO A 193 -18.35 -6.85 5.24
CA PRO A 193 -18.52 -5.88 6.32
C PRO A 193 -19.46 -6.40 7.40
N LEU A 194 -19.30 -5.87 8.62
CA LEU A 194 -19.96 -6.40 9.80
C LEU A 194 -21.12 -5.52 10.26
N THR A 195 -22.28 -6.13 10.48
CA THR A 195 -23.43 -5.46 11.05
C THR A 195 -23.41 -5.52 12.56
N THR A 196 -24.01 -4.51 13.20
CA THR A 196 -24.20 -4.56 14.64
C THR A 196 -25.04 -5.78 15.06
N GLU A 197 -26.00 -6.17 14.23
CA GLU A 197 -26.86 -7.31 14.56
C GLU A 197 -26.09 -8.62 14.45
N ALA A 198 -25.19 -8.73 13.47
CA ALA A 198 -24.36 -9.93 13.38
C ALA A 198 -23.33 -9.96 14.48
N LEU A 199 -22.77 -8.79 14.81
CA LEU A 199 -21.78 -8.72 15.88
C LEU A 199 -22.39 -9.12 17.22
N ALA A 200 -23.61 -8.65 17.50
CA ALA A 200 -24.26 -9.01 18.75
C ALA A 200 -24.63 -10.49 18.77
N ALA A 201 -24.92 -11.08 17.61
CA ALA A 201 -25.09 -12.53 17.53
C ALA A 201 -23.76 -13.25 17.69
N ALA A 202 -22.69 -12.72 17.09
CA ALA A 202 -21.37 -13.32 17.20
C ALA A 202 -20.91 -13.40 18.65
N ALA A 203 -21.26 -12.39 19.45
CA ALA A 203 -20.83 -12.25 20.84
C ALA A 203 -19.35 -12.62 21.01
N PRO A 204 -18.44 -11.95 20.29
CA PRO A 204 -17.01 -12.29 20.41
C PRO A 204 -16.50 -12.04 21.82
N ASP A 205 -15.63 -12.94 22.28
CA ASP A 205 -14.92 -12.76 23.54
C ASP A 205 -13.63 -11.97 23.39
N VAL A 206 -13.07 -11.96 22.18
CA VAL A 206 -11.85 -11.22 21.84
C VAL A 206 -12.00 -10.71 20.41
N VAL A 207 -11.50 -9.51 20.16
CA VAL A 207 -11.40 -8.95 18.81
C VAL A 207 -9.94 -9.02 18.38
N LEU A 208 -9.70 -9.59 17.20
CA LEU A 208 -8.38 -9.72 16.59
C LEU A 208 -8.29 -8.76 15.41
N ILE A 209 -7.19 -8.01 15.31
CA ILE A 209 -7.07 -6.97 14.30
C ILE A 209 -5.63 -6.87 13.83
N SER A 210 -5.44 -6.54 12.55
CA SER A 210 -4.10 -6.41 12.00
C SER A 210 -3.35 -5.22 12.60
N ASP A 211 -2.07 -5.44 12.94
CA ASP A 211 -1.17 -4.37 13.43
C ASP A 211 -1.31 -3.14 12.57
N GLU A 212 -1.21 -3.32 11.26
CA GLU A 212 -1.62 -2.36 10.27
C GLU A 212 -3.03 -1.88 10.58
N GLY A 213 -4.04 -2.63 10.15
CA GLY A 213 -5.43 -2.20 10.21
C GLY A 213 -6.01 -1.83 11.57
N LEU A 214 -5.14 -1.57 12.54
CA LEU A 214 -5.54 -0.85 13.73
C LEU A 214 -5.38 0.65 13.54
N ALA A 215 -4.63 1.07 12.52
CA ALA A 215 -4.55 2.49 12.18
C ALA A 215 -5.84 2.96 11.51
N ALA A 216 -6.43 2.13 10.65
CA ALA A 216 -7.61 2.52 9.88
C ALA A 216 -8.82 2.54 10.79
N VAL A 217 -8.60 2.62 12.10
CA VAL A 217 -9.67 2.88 13.05
C VAL A 217 -9.36 4.04 13.99
N GLY A 218 -8.09 4.42 14.14
CA GLY A 218 -7.69 5.43 15.10
C GLY A 218 -6.93 4.91 16.31
N GLY A 219 -6.75 3.60 16.44
CA GLY A 219 -6.13 3.02 17.62
C GLY A 219 -7.13 2.19 18.43
N HIS A 220 -6.62 1.66 19.54
CA HIS A 220 -7.41 0.70 20.30
C HIS A 220 -8.69 1.31 20.84
N ALA A 221 -8.57 2.47 21.50
CA ALA A 221 -9.73 3.09 22.10
C ALA A 221 -10.77 3.45 21.03
N ALA A 222 -10.32 3.98 19.90
CA ALA A 222 -11.24 4.28 18.81
C ALA A 222 -11.92 3.02 18.29
N LEU A 223 -11.18 1.90 18.21
CA LEU A 223 -11.78 0.65 17.73
C LEU A 223 -12.96 0.23 18.60
N LEU A 224 -12.78 0.26 19.92
CA LEU A 224 -13.84 -0.17 20.81
C LEU A 224 -14.99 0.83 20.88
N ALA A 225 -14.85 2.03 20.30
CA ALA A 225 -15.93 3.00 20.19
C ALA A 225 -16.80 2.78 18.95
N THR A 226 -16.47 1.80 18.12
CA THR A 226 -17.32 1.44 16.99
C THR A 226 -18.68 0.96 17.50
N PRO A 227 -19.77 1.30 16.84
CA PRO A 227 -21.10 0.88 17.32
C PRO A 227 -21.24 -0.64 17.42
N GLY A 228 -21.91 -1.08 18.50
CA GLY A 228 -22.07 -2.49 18.82
C GLY A 228 -20.89 -3.13 19.53
N PHE A 229 -19.68 -2.63 19.29
CA PHE A 229 -18.50 -3.23 19.90
C PHE A 229 -18.58 -3.18 21.42
N GLY A 230 -19.10 -2.09 21.97
CA GLY A 230 -19.03 -1.89 23.40
C GLY A 230 -19.80 -2.91 24.21
N ALA A 231 -20.95 -3.33 23.70
CA ALA A 231 -21.80 -4.26 24.44
C ALA A 231 -21.33 -5.71 24.36
N THR A 232 -20.37 -6.04 23.48
CA THR A 232 -19.97 -7.42 23.33
C THR A 232 -19.12 -7.86 24.51
N PRO A 233 -18.99 -9.17 24.74
CA PRO A 233 -18.09 -9.61 25.82
C PRO A 233 -16.68 -9.10 25.61
N ALA A 234 -16.19 -9.12 24.36
CA ALA A 234 -14.90 -8.51 24.04
C ALA A 234 -14.89 -7.03 24.39
N GLY A 235 -15.88 -6.28 23.91
CA GLY A 235 -15.91 -4.86 24.18
C GLY A 235 -16.13 -4.54 25.64
N ARG A 236 -16.91 -5.35 26.34
CA ARG A 236 -17.12 -5.15 27.77
C ARG A 236 -15.82 -5.33 28.55
N ALA A 237 -15.05 -6.36 28.21
CA ALA A 237 -13.78 -6.60 28.88
C ALA A 237 -12.62 -5.93 28.18
N ARG A 238 -12.88 -5.18 27.11
CA ARG A 238 -11.88 -4.47 26.30
C ARG A 238 -10.71 -5.38 25.93
N ARG A 239 -11.05 -6.49 25.27
CA ARG A 239 -10.09 -7.52 24.89
C ARG A 239 -9.80 -7.34 23.40
N VAL A 240 -8.67 -6.71 23.10
CA VAL A 240 -8.19 -6.53 21.74
C VAL A 240 -6.80 -7.16 21.64
N VAL A 241 -6.54 -7.83 20.53
CA VAL A 241 -5.23 -8.38 20.20
C VAL A 241 -4.89 -7.94 18.78
N SER A 242 -3.76 -7.24 18.61
CA SER A 242 -3.29 -6.88 17.29
C SER A 242 -2.08 -7.73 16.89
N LEU A 243 -1.92 -7.95 15.57
CA LEU A 243 -0.79 -8.74 15.07
C LEU A 243 -0.46 -8.32 13.64
N ASP A 244 0.78 -8.54 13.25
CA ASP A 244 1.20 -8.28 11.88
C ASP A 244 0.47 -9.24 10.94
N ALA A 245 -0.19 -8.69 9.93
CA ALA A 245 -1.06 -9.47 9.05
C ALA A 245 -0.33 -10.63 8.37
N LEU A 246 0.82 -10.36 7.73
CA LEU A 246 1.50 -11.41 6.96
C LEU A 246 2.03 -12.52 7.88
N PHE A 247 2.50 -12.14 9.08
CA PHE A 247 2.97 -13.14 10.03
C PHE A 247 1.81 -13.98 10.56
N LEU A 248 0.69 -13.34 10.89
CA LEU A 248 -0.45 -14.10 11.41
C LEU A 248 -1.05 -14.99 10.33
N LEU A 249 -1.21 -14.45 9.12
CA LEU A 249 -2.12 -15.02 8.13
C LEU A 249 -1.39 -15.67 6.97
N GLY A 250 -0.06 -15.60 6.94
CA GLY A 250 0.68 -15.90 5.72
C GLY A 250 0.73 -17.38 5.38
N PHE A 251 0.62 -18.25 6.37
CA PHE A 251 0.83 -19.69 6.20
C PHE A 251 2.16 -20.00 5.49
N GLY A 252 3.24 -19.58 6.15
CA GLY A 252 4.59 -19.90 5.70
C GLY A 252 5.36 -20.70 6.74
N PRO A 253 6.69 -20.69 6.64
CA PRO A 253 7.51 -21.48 7.59
C PRO A 253 7.49 -20.99 9.04
N ARG A 254 6.93 -19.81 9.33
CA ARG A 254 6.73 -19.39 10.72
C ARG A 254 5.38 -19.82 11.29
N LEU A 255 4.64 -20.69 10.59
CA LEU A 255 3.34 -21.12 11.05
C LEU A 255 3.34 -21.63 12.49
N PRO A 256 4.31 -22.45 12.94
CA PRO A 256 4.25 -22.88 14.35
C PRO A 256 4.38 -21.72 15.32
N LEU A 257 5.28 -20.78 15.04
CA LEU A 257 5.40 -19.60 15.88
C LEU A 257 4.15 -18.73 15.80
N ALA A 258 3.52 -18.66 14.63
CA ALA A 258 2.32 -17.83 14.52
C ALA A 258 1.19 -18.41 15.36
N VAL A 259 0.99 -19.72 15.26
CA VAL A 259 -0.05 -20.34 16.08
C VAL A 259 0.26 -20.19 17.56
N THR A 260 1.50 -20.49 17.97
CA THR A 260 1.86 -20.34 19.39
CA THR A 260 1.78 -20.36 19.40
C THR A 260 1.60 -18.91 19.86
N THR A 261 1.98 -17.93 19.04
CA THR A 261 1.83 -16.52 19.43
C THR A 261 0.37 -16.14 19.57
N LEU A 262 -0.45 -16.51 18.59
CA LEU A 262 -1.87 -16.18 18.68
C LEU A 262 -2.48 -16.81 19.92
N HIS A 263 -2.11 -18.05 20.22
CA HIS A 263 -2.59 -18.72 21.42
C HIS A 263 -2.16 -17.97 22.67
N ARG A 264 -0.88 -17.61 22.75
CA ARG A 264 -0.37 -16.84 23.90
C ARG A 264 -1.11 -15.50 24.05
N ARG A 265 -1.30 -14.78 22.95
N ARG A 265 -1.34 -14.79 22.95
CA ARG A 265 -1.99 -13.48 23.02
CA ARG A 265 -1.97 -13.47 23.07
C ARG A 265 -3.42 -13.67 23.49
C ARG A 265 -3.46 -13.59 23.40
N LEU A 266 -4.13 -14.66 22.94
CA LEU A 266 -5.50 -14.89 23.36
C LEU A 266 -5.57 -15.30 24.84
N SER A 267 -4.58 -16.06 25.31
CA SER A 267 -4.49 -16.40 26.73
C SER A 267 -4.28 -15.17 27.59
N ASP A 268 -3.27 -14.35 27.26
CA ASP A 268 -3.09 -13.05 27.91
C ASP A 268 -4.40 -12.28 27.96
N ALA A 269 -5.07 -12.14 26.81
CA ALA A 269 -6.24 -11.28 26.73
C ALA A 269 -7.35 -11.78 27.64
N LEU A 270 -7.48 -13.09 27.78
CA LEU A 270 -8.55 -13.72 28.54
C LEU A 270 -8.15 -14.06 29.97
N ALA A 271 -7.02 -13.55 30.44
CA ALA A 271 -6.52 -13.76 31.81
C ALA A 271 -7.61 -13.63 32.87
N GLY B 4 28.18 6.37 -22.31
CA GLY B 4 27.20 5.73 -23.18
C GLY B 4 25.78 5.98 -22.74
N SER B 5 24.88 5.02 -23.02
CA SER B 5 23.48 5.15 -22.63
C SER B 5 23.31 4.80 -21.15
N LYS B 6 22.59 5.65 -20.42
CA LYS B 6 22.54 5.60 -18.96
C LYS B 6 21.32 4.82 -18.48
N ARG B 7 21.54 3.89 -17.56
CA ARG B 7 20.44 3.27 -16.86
C ARG B 7 19.92 4.21 -15.77
N VAL B 8 18.61 4.50 -15.81
CA VAL B 8 18.04 5.53 -14.94
C VAL B 8 16.98 4.94 -14.02
N ILE B 9 17.02 5.35 -12.75
CA ILE B 9 15.94 5.08 -11.79
C ILE B 9 15.32 6.42 -11.38
N VAL B 10 13.99 6.46 -11.36
CA VAL B 10 13.26 7.68 -10.98
C VAL B 10 12.57 7.45 -9.65
N ILE B 11 12.73 8.38 -8.71
CA ILE B 11 12.08 8.30 -7.40
C ILE B 11 11.14 9.50 -7.24
N GLY B 12 9.85 9.22 -7.11
CA GLY B 12 8.83 10.26 -7.01
C GLY B 12 7.93 10.28 -8.24
N GLY B 13 6.65 9.98 -8.05
CA GLY B 13 5.77 9.76 -9.19
C GLY B 13 5.72 10.93 -10.16
N ALA B 14 5.92 12.16 -9.67
CA ALA B 14 5.93 13.29 -10.57
C ALA B 14 7.14 13.28 -11.49
N LEU B 15 8.30 12.84 -10.99
CA LEU B 15 9.47 12.76 -11.85
C LEU B 15 9.35 11.66 -12.89
N ALA B 16 8.71 10.54 -12.54
CA ALA B 16 8.51 9.49 -13.52
C ALA B 16 7.55 9.95 -14.61
N GLU B 17 6.46 10.64 -14.24
CA GLU B 17 5.58 11.20 -15.25
C GLU B 17 6.36 12.11 -16.18
N THR B 18 7.18 12.99 -15.60
CA THR B 18 8.03 13.87 -16.41
C THR B 18 8.89 13.06 -17.38
N ALA B 19 9.60 12.05 -16.85
CA ALA B 19 10.51 11.29 -17.70
C ALA B 19 9.78 10.63 -18.86
N PHE B 20 8.62 10.03 -18.60
CA PHE B 20 7.85 9.40 -19.66
C PHE B 20 7.18 10.41 -20.59
N ALA B 21 7.01 11.65 -20.13
CA ALA B 21 6.40 12.65 -21.00
C ALA B 21 7.41 13.23 -21.98
N LEU B 22 8.70 13.06 -21.71
CA LEU B 22 9.75 13.48 -22.64
C LEU B 22 9.95 12.47 -23.76
N GLY B 23 9.70 11.19 -23.49
CA GLY B 23 9.92 10.15 -24.47
C GLY B 23 9.53 8.81 -23.88
N GLY B 24 10.07 7.73 -24.46
CA GLY B 24 9.79 6.41 -23.95
C GLY B 24 10.71 5.98 -22.80
N ALA B 25 10.45 4.79 -22.30
CA ALA B 25 11.38 4.17 -21.37
C ALA B 25 12.72 3.88 -22.05
N GLU B 26 12.70 3.69 -23.37
CA GLU B 26 13.87 3.28 -24.14
C GLU B 26 14.18 4.32 -25.20
N THR B 27 15.30 5.02 -25.05
CA THR B 27 15.80 5.99 -26.01
C THR B 27 17.25 5.66 -26.33
N PRO B 28 17.82 6.28 -27.38
CA PRO B 28 19.27 6.13 -27.60
C PRO B 28 20.10 6.56 -26.39
N ARG B 29 19.70 7.62 -25.71
CA ARG B 29 20.53 8.26 -24.70
C ARG B 29 20.35 7.70 -23.31
N TYR B 30 19.23 7.05 -23.03
CA TYR B 30 18.98 6.58 -21.68
C TYR B 30 17.90 5.51 -21.69
N ARG B 31 17.89 4.72 -20.61
N ARG B 31 17.88 4.73 -20.61
CA ARG B 31 16.89 3.69 -20.38
CA ARG B 31 16.89 3.68 -20.37
C ARG B 31 16.38 3.84 -18.96
C ARG B 31 16.37 3.83 -18.95
N LEU B 32 15.06 3.89 -18.79
CA LEU B 32 14.46 3.92 -17.46
C LEU B 32 14.33 2.49 -16.98
N VAL B 33 14.96 2.17 -15.85
CA VAL B 33 15.09 0.78 -15.41
C VAL B 33 14.43 0.51 -14.07
N GLY B 34 13.93 1.52 -13.35
CA GLY B 34 13.35 1.26 -12.04
C GLY B 34 12.75 2.53 -11.48
N ALA B 35 12.00 2.35 -10.40
CA ALA B 35 11.23 3.43 -9.81
C ALA B 35 10.86 3.06 -8.38
N ASP B 36 10.29 4.01 -7.68
CA ASP B 36 9.70 3.74 -6.37
C ASP B 36 8.20 3.52 -6.53
N THR B 37 7.56 3.05 -5.46
CA THR B 37 6.16 2.66 -5.54
C THR B 37 5.18 3.82 -5.77
N THR B 38 5.61 5.09 -5.59
CA THR B 38 4.73 6.18 -5.98
C THR B 38 4.62 6.36 -7.49
N CYS B 39 5.44 5.65 -8.28
CA CYS B 39 5.44 5.88 -9.74
C CYS B 39 4.40 4.98 -10.39
N THR B 40 3.16 5.46 -10.42
CA THR B 40 2.03 4.72 -10.95
C THR B 40 1.51 5.27 -12.27
N TYR B 41 2.05 6.38 -12.76
CA TYR B 41 1.53 6.96 -13.99
C TYR B 41 2.68 7.35 -14.90
N PRO B 42 2.56 7.11 -16.22
CA PRO B 42 1.50 6.42 -16.96
C PRO B 42 1.65 4.90 -16.88
N ASP B 43 0.94 4.15 -17.74
CA ASP B 43 0.99 2.69 -17.71
CA ASP B 43 1.00 2.69 -17.64
C ASP B 43 2.42 2.18 -17.81
N ALA B 44 3.24 2.85 -18.62
CA ALA B 44 4.62 2.39 -18.80
C ALA B 44 5.39 2.44 -17.50
N ALA B 45 5.04 3.35 -16.58
CA ALA B 45 5.74 3.36 -15.28
C ALA B 45 5.46 2.08 -14.50
N LYS B 46 4.31 1.45 -14.72
CA LYS B 46 3.96 0.25 -13.97
C LYS B 46 4.78 -0.96 -14.40
N ARG B 47 5.34 -0.96 -15.60
CA ARG B 47 6.24 -2.03 -16.00
C ARG B 47 7.66 -1.84 -15.48
N LEU B 48 7.91 -0.81 -14.65
CA LEU B 48 9.24 -0.70 -14.05
C LEU B 48 9.28 -1.44 -12.71
N PRO B 49 10.36 -2.16 -12.48
CA PRO B 49 10.59 -2.76 -11.15
C PRO B 49 10.70 -1.69 -10.07
N LYS B 50 10.12 -1.94 -8.91
CA LYS B 50 10.05 -0.92 -7.86
C LYS B 50 11.04 -1.24 -6.76
N VAL B 51 11.70 -0.19 -6.25
CA VAL B 51 12.79 -0.42 -5.29
C VAL B 51 12.44 0.18 -3.94
N GLY B 52 11.18 0.06 -3.53
CA GLY B 52 10.74 0.55 -2.24
C GLY B 52 9.92 1.81 -2.36
N TYR B 53 9.37 2.23 -1.22
CA TYR B 53 8.68 3.50 -1.13
C TYR B 53 9.71 4.65 -1.14
N GLN B 54 9.32 5.83 -1.66
CA GLN B 54 10.29 6.89 -1.97
C GLN B 54 11.09 7.33 -0.73
N ARG B 55 10.47 7.36 0.44
CA ARG B 55 11.14 7.72 1.69
C ARG B 55 11.75 6.54 2.43
N ALA B 56 11.65 5.32 1.92
CA ALA B 56 12.25 4.16 2.62
C ALA B 56 12.93 3.26 1.60
N LEU B 57 13.90 3.83 0.89
CA LEU B 57 14.43 3.18 -0.30
C LEU B 57 15.39 2.05 0.05
N SER B 58 15.28 0.96 -0.69
CA SER B 58 16.22 -0.15 -0.58
C SER B 58 17.45 0.19 -1.41
N ALA B 59 18.50 0.69 -0.75
CA ALA B 59 19.73 1.01 -1.47
C ALA B 59 20.25 -0.19 -2.25
N GLU B 60 20.28 -1.36 -1.59
CA GLU B 60 20.72 -2.58 -2.28
C GLU B 60 19.77 -2.95 -3.39
N GLY B 61 18.47 -2.83 -3.14
CA GLY B 61 17.51 -3.10 -4.20
C GLY B 61 17.69 -2.15 -5.36
N LEU B 62 17.82 -0.85 -5.03
CA LEU B 62 18.12 0.15 -6.04
C LEU B 62 19.39 -0.19 -6.80
N LEU B 63 20.49 -0.48 -6.07
CA LEU B 63 21.76 -0.78 -6.74
C LEU B 63 21.73 -2.10 -7.50
N SER B 64 20.84 -3.03 -7.12
CA SER B 64 20.69 -4.27 -7.86
C SER B 64 20.22 -4.06 -9.29
N LEU B 65 19.65 -2.89 -9.62
CA LEU B 65 19.27 -2.61 -10.99
C LEU B 65 20.38 -1.89 -11.77
N ARG B 66 21.56 -1.75 -11.18
CA ARG B 66 22.72 -1.18 -11.86
C ARG B 66 22.43 0.17 -12.51
N PRO B 67 22.03 1.17 -11.73
CA PRO B 67 21.74 2.48 -12.32
C PRO B 67 23.02 3.29 -12.51
N ASP B 68 22.99 4.15 -13.51
CA ASP B 68 24.00 5.18 -13.66
C ASP B 68 23.54 6.50 -13.09
N LEU B 69 22.24 6.73 -13.09
CA LEU B 69 21.70 7.99 -12.65
C LEU B 69 20.42 7.73 -11.86
N VAL B 70 20.22 8.49 -10.79
CA VAL B 70 18.96 8.49 -10.05
C VAL B 70 18.37 9.91 -10.07
N LEU B 71 17.13 10.02 -10.53
CA LEU B 71 16.38 11.26 -10.45
C LEU B 71 15.50 11.19 -9.20
N ALA B 72 15.77 12.06 -8.23
CA ALA B 72 15.27 11.87 -6.89
C ALA B 72 14.38 13.05 -6.51
N SER B 73 13.14 12.76 -6.15
CA SER B 73 12.24 13.80 -5.64
C SER B 73 12.75 14.34 -4.31
N ALA B 74 12.16 15.46 -3.91
CA ALA B 74 12.50 16.06 -2.63
C ALA B 74 12.28 15.12 -1.47
N GLU B 75 11.39 14.15 -1.63
CA GLU B 75 11.04 13.21 -0.57
C GLU B 75 11.90 11.95 -0.56
N ALA B 76 12.80 11.78 -1.53
CA ALA B 76 13.57 10.53 -1.61
C ALA B 76 14.45 10.39 -0.39
N GLY B 77 14.37 9.23 0.25
CA GLY B 77 15.22 8.94 1.38
C GLY B 77 15.10 7.48 1.78
N PRO B 78 15.66 7.11 2.95
CA PRO B 78 16.31 7.98 3.93
C PRO B 78 17.72 8.40 3.54
N PRO B 79 18.24 9.44 4.20
CA PRO B 79 19.60 9.92 3.90
C PRO B 79 20.66 8.82 3.85
N THR B 80 20.61 7.80 4.72
CA THR B 80 21.63 6.75 4.64
C THR B 80 21.56 6.01 3.32
N ALA B 81 20.35 5.86 2.75
CA ALA B 81 20.20 5.15 1.49
C ALA B 81 20.73 5.97 0.32
N ILE B 82 20.37 7.25 0.28
CA ILE B 82 20.93 8.16 -0.73
C ILE B 82 22.45 8.16 -0.65
N ALA B 83 22.98 8.36 0.55
CA ALA B 83 24.44 8.36 0.72
C ALA B 83 25.05 7.04 0.26
N GLN B 84 24.43 5.92 0.61
CA GLN B 84 24.96 4.61 0.18
C GLN B 84 24.97 4.51 -1.34
N VAL B 85 23.95 5.06 -2.01
CA VAL B 85 23.86 4.98 -3.47
C VAL B 85 24.95 5.84 -4.12
N LYS B 86 25.12 7.09 -3.68
CA LYS B 86 26.21 7.90 -4.21
C LYS B 86 27.57 7.28 -3.94
N GLY B 87 27.73 6.59 -2.82
CA GLY B 87 29.01 5.98 -2.50
C GLY B 87 29.42 4.89 -3.46
N ALA B 88 28.48 4.35 -4.22
CA ALA B 88 28.78 3.30 -5.19
C ALA B 88 29.01 3.84 -6.60
N GLY B 89 29.20 5.15 -6.75
CA GLY B 89 29.49 5.76 -8.03
C GLY B 89 28.28 6.18 -8.82
N VAL B 90 27.08 6.17 -8.23
CA VAL B 90 25.85 6.52 -8.92
C VAL B 90 25.59 8.00 -8.73
N THR B 91 25.37 8.71 -9.83
CA THR B 91 24.95 10.09 -9.75
C THR B 91 23.52 10.16 -9.23
N VAL B 92 23.27 11.08 -8.30
CA VAL B 92 21.92 11.35 -7.82
C VAL B 92 21.62 12.82 -8.00
N THR B 93 20.56 13.12 -8.74
CA THR B 93 20.16 14.49 -8.98
C THR B 93 18.82 14.69 -8.29
N THR B 94 18.76 15.65 -7.38
CA THR B 94 17.64 15.83 -6.49
C THR B 94 16.85 17.07 -6.89
N PHE B 95 15.53 17.00 -6.74
CA PHE B 95 14.65 18.07 -7.17
C PHE B 95 13.92 18.64 -5.95
N ASP B 96 13.59 19.92 -6.02
CA ASP B 96 12.82 20.58 -4.98
C ASP B 96 11.32 20.42 -5.23
N GLU B 97 10.53 20.64 -4.18
CA GLU B 97 9.07 20.63 -4.28
CA GLU B 97 9.07 20.58 -4.21
C GLU B 97 8.55 21.90 -3.62
N ARG B 98 8.30 22.91 -4.43
CA ARG B 98 7.82 24.16 -3.88
C ARG B 98 6.32 24.32 -4.01
N HIS B 99 5.63 23.37 -4.63
CA HIS B 99 4.17 23.38 -4.74
C HIS B 99 3.69 24.58 -5.57
N ASP B 100 4.36 24.87 -6.67
CA ASP B 100 3.91 25.93 -7.55
C ASP B 100 4.22 25.52 -8.98
N VAL B 101 3.66 26.30 -9.92
CA VAL B 101 3.85 25.95 -11.33
C VAL B 101 5.32 25.96 -11.70
N GLU B 102 6.08 26.90 -11.15
CA GLU B 102 7.49 26.98 -11.56
C GLU B 102 8.25 25.75 -11.11
N SER B 103 7.82 25.14 -10.00
CA SER B 103 8.41 23.89 -9.54
C SER B 103 8.26 22.79 -10.58
N VAL B 104 7.12 22.73 -11.27
CA VAL B 104 6.92 21.72 -12.30
C VAL B 104 7.79 22.02 -13.50
N ARG B 105 7.85 23.29 -13.92
CA ARG B 105 8.73 23.67 -15.01
C ARG B 105 10.17 23.29 -14.71
N ALA B 106 10.61 23.48 -13.46
CA ALA B 106 11.97 23.09 -13.07
C ALA B 106 12.16 21.59 -13.17
N LYS B 107 11.12 20.79 -12.88
CA LYS B 107 11.23 19.36 -13.08
C LYS B 107 11.38 19.01 -14.56
N ILE B 108 10.63 19.68 -15.43
CA ILE B 108 10.70 19.37 -16.85
C ILE B 108 12.10 19.68 -17.39
N THR B 109 12.61 20.88 -17.12
CA THR B 109 13.93 21.22 -17.64
C THR B 109 15.02 20.46 -16.91
N GLY B 110 14.83 20.18 -15.62
CA GLY B 110 15.88 19.53 -14.86
C GLY B 110 16.02 18.06 -15.19
N VAL B 111 14.90 17.37 -15.36
CA VAL B 111 14.94 16.00 -15.86
C VAL B 111 15.54 15.95 -17.27
N ALA B 112 15.06 16.82 -18.16
CA ALA B 112 15.57 16.80 -19.53
C ALA B 112 17.04 17.15 -19.57
N GLN B 113 17.48 18.07 -18.71
CA GLN B 113 18.91 18.40 -18.65
C GLN B 113 19.74 17.20 -18.19
N ALA B 114 19.27 16.53 -17.14
CA ALA B 114 20.04 15.40 -16.59
C ALA B 114 20.06 14.23 -17.57
N LEU B 115 19.01 14.09 -18.36
CA LEU B 115 18.92 13.02 -19.35
C LEU B 115 19.62 13.37 -20.64
N ASP B 116 20.07 14.63 -20.79
CA ASP B 116 20.75 15.11 -21.99
C ASP B 116 19.76 15.14 -23.18
N VAL B 117 18.51 15.49 -22.90
CA VAL B 117 17.54 15.67 -23.97
C VAL B 117 16.89 17.06 -23.82
N ARG B 118 17.73 18.10 -23.83
CA ARG B 118 17.24 19.46 -23.56
C ARG B 118 16.18 19.89 -24.55
N ASP B 119 16.30 19.49 -25.81
CA ASP B 119 15.31 19.94 -26.79
C ASP B 119 13.96 19.29 -26.54
N ALA B 120 13.95 18.01 -26.21
CA ALA B 120 12.70 17.38 -25.82
C ALA B 120 12.13 18.09 -24.60
N GLY B 121 12.99 18.49 -23.67
CA GLY B 121 12.55 19.35 -22.59
C GLY B 121 11.84 20.62 -23.07
N ALA B 122 12.45 21.34 -24.00
CA ALA B 122 11.85 22.60 -24.45
C ALA B 122 10.48 22.38 -25.08
N ALA B 123 10.30 21.29 -25.82
CA ALA B 123 9.02 21.06 -26.49
C ALA B 123 7.92 20.71 -25.48
N LEU B 124 8.21 19.80 -24.56
CA LEU B 124 7.28 19.53 -23.46
C LEU B 124 6.94 20.81 -22.71
N LEU B 125 7.97 21.60 -22.36
CA LEU B 125 7.72 22.82 -21.61
C LEU B 125 6.81 23.76 -22.39
N GLN B 126 6.95 23.79 -23.71
CA GLN B 126 6.08 24.64 -24.52
CA GLN B 126 6.08 24.65 -24.51
C GLN B 126 4.63 24.18 -24.44
N ARG B 127 4.41 22.86 -24.49
CA ARG B 127 3.06 22.31 -24.38
C ARG B 127 2.49 22.56 -22.98
N PHE B 128 3.30 22.30 -21.94
CA PHE B 128 2.91 22.61 -20.57
C PHE B 128 2.52 24.08 -20.42
N ASP B 129 3.34 24.98 -20.96
CA ASP B 129 3.08 26.41 -20.79
C ASP B 129 1.77 26.82 -21.46
N ARG B 130 1.52 26.29 -22.67
CA ARG B 130 0.25 26.52 -23.36
C ARG B 130 -0.95 26.00 -22.57
N ASP B 131 -0.84 24.78 -22.02
CA ASP B 131 -1.93 24.24 -21.20
C ASP B 131 -2.11 25.02 -19.91
N TRP B 132 -1.00 25.46 -19.29
CA TRP B 132 -1.11 26.23 -18.05
C TRP B 132 -1.79 27.57 -18.29
N GLN B 133 -1.47 28.25 -19.41
CA GLN B 133 -2.12 29.53 -19.65
C GLN B 133 -3.62 29.34 -19.84
N ALA B 134 -4.04 28.26 -20.51
CA ALA B 134 -5.47 28.01 -20.65
C ALA B 134 -6.11 27.72 -19.30
N ALA B 135 -5.41 26.96 -18.44
CA ALA B 135 -5.94 26.59 -17.15
C ALA B 135 -6.24 27.83 -16.31
N ARG B 136 -5.28 28.75 -16.19
CA ARG B 136 -5.51 29.90 -15.32
CA ARG B 136 -5.48 29.93 -15.34
C ARG B 136 -6.53 30.86 -15.92
N ASP B 137 -6.71 30.86 -17.25
CA ASP B 137 -7.77 31.68 -17.83
C ASP B 137 -9.13 31.07 -17.55
N ALA B 138 -9.25 29.75 -17.69
CA ALA B 138 -10.48 29.05 -17.33
C ALA B 138 -10.83 29.26 -15.85
N VAL B 139 -9.83 29.15 -14.97
CA VAL B 139 -10.10 29.43 -13.56
C VAL B 139 -10.48 30.90 -13.36
N ALA B 140 -9.82 31.81 -14.08
CA ALA B 140 -10.10 33.23 -13.88
C ALA B 140 -11.48 33.60 -14.40
N ALA B 141 -12.00 32.84 -15.35
CA ALA B 141 -13.24 33.18 -16.04
C ALA B 141 -14.46 33.10 -15.12
N ARG B 142 -14.45 32.21 -14.12
N ARG B 142 -14.43 32.24 -14.10
CA ARG B 142 -15.59 32.09 -13.23
CA ARG B 142 -15.59 32.04 -13.25
C ARG B 142 -15.16 31.47 -11.92
C ARG B 142 -15.13 31.46 -11.92
N VAL B 143 -15.47 32.14 -10.83
CA VAL B 143 -15.19 31.59 -9.49
C VAL B 143 -16.09 30.38 -9.25
N PRO B 144 -15.56 29.25 -8.75
CA PRO B 144 -16.43 28.11 -8.40
C PRO B 144 -17.55 28.54 -7.46
N GLY B 145 -18.78 28.31 -7.88
CA GLY B 145 -19.93 28.84 -7.19
C GLY B 145 -20.41 30.19 -7.68
N GLY B 146 -19.63 30.86 -8.53
CA GLY B 146 -20.04 32.13 -9.11
C GLY B 146 -20.25 33.27 -8.13
N ALA B 147 -19.72 33.16 -6.91
CA ALA B 147 -19.78 34.26 -5.95
C ALA B 147 -18.40 34.53 -5.37
N GLN B 148 -18.23 34.34 -4.01
CA GLN B 148 -16.95 34.50 -3.35
C GLN B 148 -16.18 33.18 -3.36
N PRO B 149 -14.85 33.24 -3.32
CA PRO B 149 -14.05 31.99 -3.34
C PRO B 149 -14.49 31.04 -2.24
N PRO B 150 -14.85 29.82 -2.60
CA PRO B 150 -15.37 28.86 -1.61
C PRO B 150 -14.27 28.32 -0.72
N ARG B 151 -14.67 27.93 0.48
CA ARG B 151 -13.75 27.34 1.45
C ARG B 151 -13.77 25.83 1.28
N VAL B 152 -12.62 25.25 0.97
CA VAL B 152 -12.51 23.83 0.66
C VAL B 152 -11.68 23.17 1.74
N LEU B 153 -12.14 22.03 2.24
CA LEU B 153 -11.39 21.20 3.17
C LEU B 153 -10.89 19.94 2.45
N PHE B 154 -9.58 19.66 2.54
CA PHE B 154 -8.99 18.47 1.94
C PHE B 154 -8.67 17.39 2.98
N VAL B 155 -9.20 16.20 2.74
CA VAL B 155 -8.99 15.02 3.58
C VAL B 155 -8.07 14.07 2.82
N LEU B 156 -7.02 13.61 3.50
N LEU B 156 -6.84 13.96 3.31
CA LEU B 156 -6.09 12.60 2.98
CA LEU B 156 -5.89 13.04 2.70
C LEU B 156 -6.21 11.30 3.78
C LEU B 156 -6.21 11.62 3.14
N ASN B 157 -6.44 10.17 3.08
N ASN B 157 -6.51 11.46 4.41
CA ASN B 157 -6.65 8.86 3.71
CA ASN B 157 -6.93 10.17 4.93
C ASN B 157 -6.39 7.78 2.65
C ASN B 157 -7.97 10.40 6.02
N HIS B 158 -6.45 6.49 3.07
N HIS B 158 -8.61 9.30 6.42
CA HIS B 158 -6.18 5.43 2.09
CA HIS B 158 -9.60 9.32 7.49
C HIS B 158 -6.66 3.99 2.32
C HIS B 158 -9.51 7.95 8.14
N THR B 159 -6.91 3.59 3.57
N THR B 159 -9.21 7.92 9.44
CA THR B 159 -7.19 2.19 3.96
CA THR B 159 -8.87 6.65 10.07
C THR B 159 -6.18 1.20 3.36
C THR B 159 -9.96 6.11 10.98
N GLY B 160 -4.90 1.40 3.71
N GLY B 160 -10.41 6.79 12.04
CA GLY B 160 -4.42 2.32 4.74
CA GLY B 160 -9.97 8.11 12.48
C GLY B 160 -4.96 2.10 6.15
C GLY B 160 -10.13 8.27 13.98
N THR B 161 -5.03 3.08 7.08
N THR B 161 -11.35 8.53 14.45
CA THR B 161 -4.27 4.34 7.35
CA THR B 161 -12.50 8.73 13.56
C THR B 161 -5.14 5.33 8.12
C THR B 161 -12.43 10.11 12.90
N GLN B 162 -4.47 6.27 8.78
N GLN B 162 -11.35 10.83 13.18
CA GLN B 162 -5.10 7.35 9.50
CA GLN B 162 -11.13 12.16 12.66
C GLN B 162 -5.54 8.47 8.55
C GLN B 162 -10.61 12.13 11.23
N ALA B 163 -6.63 9.14 8.91
N ALA B 163 -10.83 13.23 10.53
CA ALA B 163 -7.18 10.25 8.15
CA ALA B 163 -10.25 13.44 9.22
C ALA B 163 -6.70 11.59 8.72
C ALA B 163 -8.81 13.90 9.37
N LEU B 164 -6.31 12.51 7.83
N LEU B 164 -7.97 13.47 8.43
CA LEU B 164 -5.78 13.81 8.23
CA LEU B 164 -6.55 13.83 8.36
C LEU B 164 -6.25 14.89 7.26
C LEU B 164 -6.41 14.91 7.28
N VAL B 165 -6.20 16.15 7.71
CA VAL B 165 -6.53 17.30 6.88
C VAL B 165 -5.32 18.21 6.65
N ALA B 166 -5.39 18.98 5.57
CA ALA B 166 -4.25 19.71 5.05
C ALA B 166 -4.26 21.17 5.49
N GLY B 167 -3.15 21.62 6.05
CA GLY B 167 -2.94 23.03 6.32
C GLY B 167 -2.13 23.67 5.22
N GLN B 168 -1.23 24.57 5.62
CA GLN B 168 -0.46 25.35 4.66
C GLN B 168 0.86 24.64 4.32
N ARG B 169 1.51 25.14 3.27
CA ARG B 169 2.75 24.58 2.73
C ARG B 169 2.56 23.14 2.25
N THR B 170 1.35 22.80 1.84
CA THR B 170 1.04 21.50 1.26
C THR B 170 0.70 21.66 -0.22
N ALA B 171 0.78 20.53 -0.93
CA ALA B 171 0.29 20.51 -2.30
C ALA B 171 -1.21 20.77 -2.34
N ALA B 172 -1.94 20.27 -1.33
CA ALA B 172 -3.38 20.48 -1.33
C ALA B 172 -3.71 21.97 -1.22
N ASP B 173 -3.02 22.69 -0.34
CA ASP B 173 -3.30 24.11 -0.16
C ASP B 173 -3.08 24.88 -1.46
N ALA B 174 -2.00 24.57 -2.18
CA ALA B 174 -1.71 25.28 -3.41
C ALA B 174 -2.68 24.91 -4.53
N MET B 175 -3.08 23.63 -4.61
CA MET B 175 -4.07 23.22 -5.61
C MET B 175 -5.40 23.91 -5.39
N ILE B 176 -5.87 23.95 -4.15
CA ILE B 176 -7.11 24.66 -3.82
C ILE B 176 -7.03 26.12 -4.27
N ARG B 177 -5.90 26.79 -4.00
CA ARG B 177 -5.76 28.18 -4.41
C ARG B 177 -5.65 28.33 -5.93
N TYR B 178 -4.90 27.44 -6.59
CA TYR B 178 -4.81 27.49 -8.04
C TYR B 178 -6.17 27.32 -8.70
N ALA B 179 -7.08 26.57 -8.08
CA ALA B 179 -8.38 26.29 -8.66
C ALA B 179 -9.40 27.38 -8.37
N GLY B 180 -8.99 28.47 -7.70
CA GLY B 180 -9.88 29.58 -7.41
C GLY B 180 -10.65 29.46 -6.12
N ALA B 181 -10.17 28.67 -5.17
CA ALA B 181 -10.83 28.50 -3.89
C ALA B 181 -9.85 28.86 -2.79
N ARG B 182 -10.33 28.78 -1.56
CA ARG B 182 -9.53 29.04 -0.38
C ARG B 182 -9.54 27.80 0.49
N ASN B 183 -8.41 27.53 1.14
CA ASN B 183 -8.33 26.42 2.08
C ASN B 183 -9.14 26.76 3.32
N ALA B 184 -10.16 25.93 3.60
CA ALA B 184 -10.91 26.10 4.83
C ALA B 184 -10.04 25.99 6.07
N MET B 185 -8.91 25.30 5.98
CA MET B 185 -8.01 25.13 7.12
C MET B 185 -6.92 26.20 7.08
N GLN B 186 -6.83 26.99 8.16
CA GLN B 186 -5.85 28.06 8.28
C GLN B 186 -5.18 27.99 9.65
N GLY B 187 -3.95 28.49 9.72
CA GLY B 187 -3.24 28.62 10.99
C GLY B 187 -2.21 27.58 11.30
N PHE B 188 -1.92 26.66 10.38
CA PHE B 188 -0.91 25.64 10.62
C PHE B 188 -0.43 25.12 9.27
N ASP B 189 0.73 24.48 9.30
CA ASP B 189 1.37 23.92 8.12
C ASP B 189 1.31 22.39 8.16
N HIS B 190 1.33 21.79 6.98
CA HIS B 190 1.34 20.35 6.77
C HIS B 190 0.01 19.75 7.21
N TYR B 191 0.03 18.53 7.77
CA TYR B 191 -1.17 17.75 7.97
C TYR B 191 -1.40 17.43 9.44
N LYS B 192 -2.65 17.56 9.87
CA LYS B 192 -3.08 17.24 11.22
C LYS B 192 -4.45 16.61 11.17
N PRO B 193 -4.81 15.83 12.19
CA PRO B 193 -6.20 15.37 12.30
C PRO B 193 -7.13 16.52 12.70
N LEU B 194 -8.39 16.37 12.34
CA LEU B 194 -9.37 17.45 12.41
C LEU B 194 -10.23 17.31 13.66
N THR B 195 -10.27 18.36 14.47
CA THR B 195 -11.21 18.45 15.58
C THR B 195 -12.55 18.96 15.07
N THR B 196 -13.63 18.51 15.70
CA THR B 196 -14.95 18.99 15.33
C THR B 196 -15.06 20.49 15.50
N GLU B 197 -14.33 21.06 16.46
CA GLU B 197 -14.36 22.51 16.65
C GLU B 197 -13.63 23.22 15.52
N ALA B 198 -12.47 22.70 15.11
CA ALA B 198 -11.78 23.23 13.94
C ALA B 198 -12.68 23.14 12.71
N LEU B 199 -13.30 21.97 12.51
CA LEU B 199 -14.21 21.80 11.37
C LEU B 199 -15.32 22.83 11.41
N ALA B 200 -15.97 22.99 12.57
CA ALA B 200 -17.01 24.00 12.72
C ALA B 200 -16.46 25.39 12.43
N ALA B 201 -15.26 25.69 12.92
CA ALA B 201 -14.64 26.99 12.64
C ALA B 201 -14.21 27.10 11.19
N ALA B 202 -13.80 25.98 10.57
CA ALA B 202 -13.39 26.01 9.17
C ALA B 202 -14.54 26.33 8.24
N ALA B 203 -15.78 26.00 8.64
CA ALA B 203 -16.99 26.08 7.83
C ALA B 203 -16.72 25.79 6.36
N PRO B 204 -16.21 24.61 6.02
CA PRO B 204 -15.97 24.30 4.61
C PRO B 204 -17.26 24.28 3.81
N ASP B 205 -17.18 24.86 2.61
CA ASP B 205 -18.29 24.75 1.67
C ASP B 205 -18.24 23.44 0.88
N VAL B 206 -17.06 22.85 0.71
CA VAL B 206 -16.88 21.61 -0.05
C VAL B 206 -15.81 20.77 0.63
N VAL B 207 -16.01 19.45 0.67
CA VAL B 207 -14.97 18.55 1.17
C VAL B 207 -14.31 17.86 -0.01
N LEU B 208 -12.99 17.94 -0.08
CA LEU B 208 -12.19 17.26 -1.11
C LEU B 208 -11.48 16.08 -0.47
N ILE B 209 -11.42 14.94 -1.17
CA ILE B 209 -10.89 13.68 -0.60
C ILE B 209 -10.33 12.80 -1.73
N SER B 210 -9.32 11.98 -1.42
CA SER B 210 -8.73 11.15 -2.46
C SER B 210 -9.71 10.06 -2.90
N ASP B 211 -9.72 9.79 -4.22
CA ASP B 211 -10.37 8.60 -4.79
C ASP B 211 -10.11 7.41 -3.87
N GLU B 212 -8.83 7.23 -3.57
CA GLU B 212 -8.31 6.25 -2.62
C GLU B 212 -8.94 6.41 -1.25
N GLY B 213 -8.63 7.51 -0.58
CA GLY B 213 -9.06 7.74 0.80
C GLY B 213 -10.55 7.90 1.05
N LEU B 214 -11.35 7.66 0.02
CA LEU B 214 -12.79 7.55 0.19
C LEU B 214 -13.21 6.15 0.63
N ALA B 215 -12.31 5.17 0.54
CA ALA B 215 -12.59 3.83 1.05
C ALA B 215 -12.30 3.73 2.54
N ALA B 216 -11.24 4.39 3.01
CA ALA B 216 -10.96 4.41 4.44
C ALA B 216 -11.99 5.19 5.23
N VAL B 217 -13.11 5.52 4.60
CA VAL B 217 -14.28 6.00 5.33
C VAL B 217 -15.51 5.13 5.09
N GLY B 218 -15.56 4.37 3.99
CA GLY B 218 -16.73 3.60 3.63
C GLY B 218 -17.60 4.19 2.53
N GLY B 219 -17.23 5.35 1.99
CA GLY B 219 -17.95 5.94 0.88
C GLY B 219 -18.52 7.30 1.23
N HIS B 220 -19.13 7.92 0.21
CA HIS B 220 -19.65 9.27 0.37
C HIS B 220 -20.59 9.37 1.57
N ALA B 221 -21.62 8.52 1.61
CA ALA B 221 -22.58 8.61 2.70
C ALA B 221 -21.92 8.33 4.05
N ALA B 222 -20.99 7.39 4.10
CA ALA B 222 -20.27 7.14 5.35
C ALA B 222 -19.45 8.37 5.74
N LEU B 223 -18.70 8.93 4.80
CA LEU B 223 -17.88 10.11 5.10
C LEU B 223 -18.74 11.25 5.65
N LEU B 224 -19.91 11.46 5.08
CA LEU B 224 -20.77 12.53 5.57
C LEU B 224 -21.41 12.20 6.92
N ALA B 225 -21.33 10.96 7.38
CA ALA B 225 -21.77 10.60 8.73
C ALA B 225 -20.70 10.87 9.80
N THR B 226 -19.52 11.32 9.39
CA THR B 226 -18.48 11.70 10.35
C THR B 226 -18.99 12.77 11.31
N PRO B 227 -18.63 12.71 12.59
CA PRO B 227 -19.14 13.72 13.54
C PRO B 227 -18.71 15.13 13.15
N GLY B 228 -19.68 16.07 13.23
CA GLY B 228 -19.50 17.46 12.85
C GLY B 228 -19.64 17.75 11.37
N PHE B 229 -19.37 16.75 10.51
CA PHE B 229 -19.42 16.98 9.07
C PHE B 229 -20.81 17.41 8.62
N GLY B 230 -21.85 16.85 9.23
CA GLY B 230 -23.22 17.11 8.84
C GLY B 230 -23.68 18.54 9.03
N ALA B 231 -23.07 19.26 9.97
CA ALA B 231 -23.48 20.63 10.28
C ALA B 231 -22.76 21.68 9.44
N THR B 232 -21.63 21.36 8.82
CA THR B 232 -20.92 22.32 8.00
C THR B 232 -21.74 22.64 6.75
N PRO B 233 -21.48 23.80 6.13
CA PRO B 233 -22.14 24.08 4.84
C PRO B 233 -21.97 22.95 3.84
N ALA B 234 -20.77 22.36 3.78
CA ALA B 234 -20.52 21.24 2.85
C ALA B 234 -21.35 20.02 3.22
N GLY B 235 -21.35 19.63 4.49
CA GLY B 235 -22.18 18.52 4.90
C GLY B 235 -23.67 18.80 4.71
N ARG B 236 -24.08 20.05 4.96
CA ARG B 236 -25.49 20.39 4.83
C ARG B 236 -25.97 20.34 3.39
N ALA B 237 -25.12 20.73 2.44
CA ALA B 237 -25.47 20.60 1.04
C ALA B 237 -24.93 19.32 0.43
N ARG B 238 -24.19 18.54 1.23
CA ARG B 238 -23.62 17.25 0.83
C ARG B 238 -22.68 17.40 -0.37
N ARG B 239 -21.78 18.39 -0.27
CA ARG B 239 -20.82 18.67 -1.33
C ARG B 239 -19.53 17.91 -1.04
N VAL B 240 -19.27 16.88 -1.84
CA VAL B 240 -18.07 16.06 -1.74
C VAL B 240 -17.48 15.91 -3.15
N VAL B 241 -16.17 16.09 -3.25
CA VAL B 241 -15.42 15.87 -4.48
C VAL B 241 -14.31 14.88 -4.18
N SER B 242 -14.14 13.88 -5.04
CA SER B 242 -13.02 12.96 -4.94
C SER B 242 -12.17 13.04 -6.20
N LEU B 243 -10.86 12.82 -6.01
CA LEU B 243 -9.92 12.78 -7.12
C LEU B 243 -8.80 11.83 -6.74
N ASP B 244 -8.13 11.31 -7.76
CA ASP B 244 -6.91 10.53 -7.57
C ASP B 244 -5.82 11.40 -6.95
N ALA B 245 -5.19 10.88 -5.89
CA ALA B 245 -4.24 11.67 -5.11
C ALA B 245 -3.00 12.07 -5.91
N LEU B 246 -2.43 11.14 -6.68
CA LEU B 246 -1.20 11.48 -7.40
C LEU B 246 -1.48 12.50 -8.50
N PHE B 247 -2.62 12.34 -9.20
CA PHE B 247 -3.03 13.30 -10.21
C PHE B 247 -3.25 14.68 -9.60
N LEU B 248 -4.00 14.74 -8.49
CA LEU B 248 -4.31 16.03 -7.87
C LEU B 248 -3.09 16.70 -7.25
N LEU B 249 -2.25 15.93 -6.58
CA LEU B 249 -1.29 16.47 -5.65
C LEU B 249 0.16 16.40 -6.12
N GLY B 250 0.44 15.72 -7.24
CA GLY B 250 1.81 15.38 -7.57
C GLY B 250 2.68 16.53 -8.04
N PHE B 251 2.08 17.61 -8.54
CA PHE B 251 2.84 18.68 -9.19
C PHE B 251 3.78 18.12 -10.26
N GLY B 252 3.16 17.48 -11.25
CA GLY B 252 3.85 16.94 -12.40
C GLY B 252 3.34 17.57 -13.68
N PRO B 253 3.67 16.96 -14.83
CA PRO B 253 3.29 17.55 -16.12
C PRO B 253 1.79 17.67 -16.36
N ARG B 254 0.92 17.01 -15.57
CA ARG B 254 -0.52 17.12 -15.72
C ARG B 254 -1.11 18.23 -14.87
N LEU B 255 -0.27 19.07 -14.26
CA LEU B 255 -0.79 20.09 -13.35
C LEU B 255 -1.85 20.98 -14.00
N PRO B 256 -1.73 21.40 -15.28
CA PRO B 256 -2.82 22.20 -15.87
C PRO B 256 -4.16 21.49 -15.90
N LEU B 257 -4.18 20.22 -16.29
CA LEU B 257 -5.41 19.44 -16.28
C LEU B 257 -5.92 19.21 -14.85
N ALA B 258 -5.01 19.01 -13.90
CA ALA B 258 -5.40 18.83 -12.50
C ALA B 258 -6.09 20.07 -11.95
N VAL B 259 -5.52 21.25 -12.23
CA VAL B 259 -6.13 22.49 -11.77
C VAL B 259 -7.48 22.71 -12.43
N THR B 260 -7.54 22.47 -13.75
CA THR B 260 -8.77 22.62 -14.51
C THR B 260 -9.85 21.65 -14.02
N THR B 261 -9.45 20.41 -13.73
CA THR B 261 -10.37 19.41 -13.20
C THR B 261 -10.86 19.80 -11.82
N LEU B 262 -9.92 20.16 -10.92
CA LEU B 262 -10.35 20.57 -9.59
C LEU B 262 -11.33 21.72 -9.69
N HIS B 263 -11.00 22.70 -10.53
CA HIS B 263 -11.88 23.86 -10.69
C HIS B 263 -13.25 23.44 -11.23
N ARG B 264 -13.26 22.58 -12.25
CA ARG B 264 -14.51 22.06 -12.80
C ARG B 264 -15.35 21.36 -11.73
N ARG B 265 -14.72 20.48 -10.94
CA ARG B 265 -15.50 19.69 -10.00
C ARG B 265 -16.00 20.55 -8.85
N LEU B 266 -15.18 21.48 -8.37
CA LEU B 266 -15.67 22.43 -7.37
C LEU B 266 -16.85 23.23 -7.88
N SER B 267 -16.78 23.69 -9.13
CA SER B 267 -17.92 24.45 -9.69
C SER B 267 -19.17 23.59 -9.78
N ASP B 268 -19.02 22.33 -10.24
CA ASP B 268 -20.15 21.40 -10.25
C ASP B 268 -20.72 21.21 -8.85
N ALA B 269 -19.85 20.95 -7.86
CA ALA B 269 -20.36 20.74 -6.51
C ALA B 269 -21.09 21.97 -5.97
N LEU B 270 -20.67 23.16 -6.41
CA LEU B 270 -21.25 24.41 -5.96
C LEU B 270 -22.39 24.93 -6.84
N ALA B 271 -22.90 24.14 -7.78
CA ALA B 271 -23.93 24.60 -8.73
C ALA B 271 -25.07 25.36 -8.08
#